data_1M9A
#
_entry.id   1M9A
#
_cell.length_a   114.993
_cell.length_b   114.993
_cell.length_c   78.352
_cell.angle_alpha   90.00
_cell.angle_beta   90.00
_cell.angle_gamma   120.00
#
_symmetry.space_group_name_H-M   'P 63 2 2'
#
loop_
_entity.id
_entity.type
_entity.pdbx_description
1 polymer 'Glutathione S-Transferase 26 kDa'
2 non-polymer S-HEXYLGLUTATHIONE
3 water water
#
_entity_poly.entity_id   1
_entity_poly.type   'polypeptide(L)'
_entity_poly.pdbx_seq_one_letter_code
;MSPILGYWKIKGLVQPTRLLLEYLEEKYEEHLYERDEGDKWRNKKFELGLEFPNLPYYIDGDVKLTQSMAIIRYIADKHN
MLGGCPKERAEISMLEGAVLDIRYGVSRIAYSKDFETLKVDFLSKLPEMLKMFEDRLCHKTYLNGDHVTHPDFMLYDALD
VVLYMDPMCLDAFPKLVCFKKRIEAIPQIDKYLKSSKYIAWPLQGWQATFGGGDHPPK
;
_entity_poly.pdbx_strand_id   A
#
# COMPACT_ATOMS: atom_id res chain seq x y z
N MET A 1 -23.26 1.92 -11.55
CA MET A 1 -21.85 1.97 -12.04
C MET A 1 -20.87 2.02 -10.88
N SER A 2 -20.33 0.85 -10.53
CA SER A 2 -19.37 0.76 -9.44
C SER A 2 -18.03 1.35 -9.85
N PRO A 3 -17.30 1.95 -8.87
CA PRO A 3 -16.00 2.57 -9.11
C PRO A 3 -15.01 1.65 -9.83
N ILE A 4 -14.14 2.26 -10.63
CA ILE A 4 -13.13 1.50 -11.36
C ILE A 4 -11.75 1.93 -10.84
N LEU A 5 -10.93 0.94 -10.50
CA LEU A 5 -9.59 1.19 -10.00
C LEU A 5 -8.61 0.64 -11.01
N GLY A 6 -7.87 1.52 -11.67
CA GLY A 6 -6.91 1.07 -12.67
C GLY A 6 -5.47 1.08 -12.19
N TYR A 7 -4.73 0.04 -12.53
CA TYR A 7 -3.32 -0.07 -12.14
C TYR A 7 -2.70 -1.29 -12.76
N TRP A 8 -1.37 -1.39 -12.68
CA TRP A 8 -0.67 -2.54 -13.20
C TRP A 8 -1.13 -3.71 -12.33
N LYS A 9 -0.99 -4.94 -12.84
CA LYS A 9 -1.37 -6.10 -12.07
C LYS A 9 -0.20 -6.47 -11.15
N ILE A 10 0.09 -5.56 -10.23
CA ILE A 10 1.15 -5.72 -9.25
C ILE A 10 0.63 -5.12 -7.94
N LYS A 11 1.38 -5.31 -6.86
CA LYS A 11 0.95 -4.73 -5.60
C LYS A 11 1.24 -3.23 -5.68
N GLY A 12 2.52 -2.91 -5.79
CA GLY A 12 2.96 -1.52 -5.91
C GLY A 12 2.28 -0.48 -5.04
N LEU A 13 1.99 0.66 -5.65
CA LEU A 13 1.39 1.81 -4.98
C LEU A 13 -0.08 1.65 -4.58
N VAL A 14 -0.79 0.74 -5.24
CA VAL A 14 -2.22 0.58 -4.99
C VAL A 14 -2.68 -0.50 -4.01
N GLN A 15 -1.80 -1.41 -3.61
CA GLN A 15 -2.20 -2.49 -2.70
C GLN A 15 -2.94 -2.01 -1.45
N PRO A 16 -2.41 -0.99 -0.75
CA PRO A 16 -3.13 -0.51 0.45
C PRO A 16 -4.55 -0.05 0.15
N THR A 17 -4.75 0.54 -1.02
CA THR A 17 -6.08 1.00 -1.42
C THR A 17 -7.03 -0.19 -1.57
N ARG A 18 -6.55 -1.25 -2.19
CA ARG A 18 -7.35 -2.46 -2.38
C ARG A 18 -7.79 -3.00 -1.02
N LEU A 19 -6.84 -3.09 -0.09
CA LEU A 19 -7.13 -3.58 1.25
C LEU A 19 -8.18 -2.70 1.94
N LEU A 20 -8.11 -1.39 1.74
CA LEU A 20 -9.06 -0.48 2.36
C LEU A 20 -10.48 -0.71 1.81
N LEU A 21 -10.59 -0.84 0.50
CA LEU A 21 -11.87 -1.07 -0.15
C LEU A 21 -12.47 -2.38 0.34
N GLU A 22 -11.65 -3.42 0.44
CA GLU A 22 -12.09 -4.72 0.92
C GLU A 22 -12.55 -4.60 2.38
N TYR A 23 -11.74 -3.93 3.20
CA TYR A 23 -12.08 -3.75 4.59
C TYR A 23 -13.44 -3.08 4.76
N LEU A 24 -13.70 -2.08 3.92
CA LEU A 24 -14.95 -1.33 3.96
C LEU A 24 -16.06 -2.05 3.20
N GLU A 25 -15.70 -3.14 2.53
CA GLU A 25 -16.67 -3.91 1.76
C GLU A 25 -17.35 -3.07 0.69
N GLU A 26 -16.56 -2.24 0.03
CA GLU A 26 -17.07 -1.39 -1.05
C GLU A 26 -16.94 -2.15 -2.35
N LYS A 27 -17.96 -2.04 -3.20
CA LYS A 27 -17.92 -2.72 -4.47
C LYS A 27 -17.04 -1.92 -5.41
N TYR A 28 -16.26 -2.60 -6.24
CA TYR A 28 -15.41 -1.91 -7.18
C TYR A 28 -14.90 -2.88 -8.23
N GLU A 29 -14.58 -2.35 -9.40
CA GLU A 29 -14.04 -3.15 -10.47
C GLU A 29 -12.61 -2.66 -10.69
N GLU A 30 -11.77 -3.52 -11.22
CA GLU A 30 -10.39 -3.14 -11.47
C GLU A 30 -10.03 -3.31 -12.94
N HIS A 31 -9.23 -2.39 -13.45
CA HIS A 31 -8.76 -2.50 -14.81
C HIS A 31 -7.28 -2.75 -14.61
N LEU A 32 -6.89 -4.01 -14.73
CA LEU A 32 -5.52 -4.43 -14.52
C LEU A 32 -4.69 -4.56 -15.79
N TYR A 33 -3.61 -3.80 -15.87
CA TYR A 33 -2.74 -3.86 -17.03
C TYR A 33 -1.65 -4.91 -16.80
N GLU A 34 -1.63 -5.91 -17.67
CA GLU A 34 -0.65 -6.99 -17.58
C GLU A 34 0.73 -6.43 -17.92
N ARG A 35 1.76 -7.26 -17.69
CA ARG A 35 3.13 -6.87 -17.96
C ARG A 35 3.40 -6.40 -19.39
N ASP A 36 2.69 -6.98 -20.36
CA ASP A 36 2.89 -6.59 -21.76
C ASP A 36 1.82 -5.65 -22.31
N GLU A 37 1.04 -5.03 -21.43
CA GLU A 37 -0.01 -4.13 -21.88
C GLU A 37 0.29 -2.65 -21.71
N GLY A 38 1.56 -2.30 -21.63
CA GLY A 38 1.93 -0.89 -21.49
C GLY A 38 1.32 -0.10 -22.63
N ASP A 39 1.39 -0.68 -23.83
CA ASP A 39 0.85 -0.07 -25.03
C ASP A 39 -0.64 0.19 -24.85
N LYS A 40 -1.32 -0.77 -24.23
CA LYS A 40 -2.76 -0.63 -23.98
C LYS A 40 -3.02 0.58 -23.08
N TRP A 41 -2.15 0.77 -22.08
CA TRP A 41 -2.29 1.88 -21.16
C TRP A 41 -2.03 3.21 -21.86
N ARG A 42 -0.92 3.27 -22.61
CA ARG A 42 -0.57 4.50 -23.34
C ARG A 42 -1.70 4.99 -24.24
N ASN A 43 -2.38 4.08 -24.92
CA ASN A 43 -3.45 4.47 -25.82
C ASN A 43 -4.73 4.89 -25.11
N LYS A 44 -4.79 4.69 -23.79
CA LYS A 44 -5.96 5.08 -23.02
C LYS A 44 -5.63 6.21 -22.05
N LYS A 45 -4.36 6.32 -21.70
CA LYS A 45 -3.87 7.33 -20.77
C LYS A 45 -4.57 8.68 -20.82
N PHE A 46 -4.55 9.32 -21.99
CA PHE A 46 -5.18 10.63 -22.12
C PHE A 46 -6.60 10.57 -22.65
N GLU A 47 -7.23 9.41 -22.56
CA GLU A 47 -8.59 9.23 -23.06
C GLU A 47 -9.60 8.89 -21.97
N LEU A 48 -9.20 9.03 -20.71
CA LEU A 48 -10.09 8.69 -19.60
C LEU A 48 -10.69 9.89 -18.87
N GLY A 49 -10.37 11.10 -19.33
CA GLY A 49 -10.89 12.28 -18.68
C GLY A 49 -10.13 12.65 -17.41
N LEU A 50 -8.95 12.07 -17.25
CA LEU A 50 -8.12 12.35 -16.08
C LEU A 50 -7.34 13.65 -16.27
N GLU A 51 -7.39 14.53 -15.27
CA GLU A 51 -6.66 15.80 -15.34
C GLU A 51 -5.16 15.58 -15.27
N PHE A 52 -4.74 14.60 -14.46
CA PHE A 52 -3.32 14.29 -14.32
C PHE A 52 -3.09 12.80 -14.56
N PRO A 53 -3.25 12.37 -15.82
CA PRO A 53 -3.10 10.97 -16.27
C PRO A 53 -1.95 10.23 -15.62
N ASN A 54 -2.28 9.11 -14.97
CA ASN A 54 -1.28 8.31 -14.27
C ASN A 54 -1.91 7.00 -13.77
N LEU A 55 -1.07 6.13 -13.21
CA LEU A 55 -1.50 4.86 -12.64
C LEU A 55 -1.00 4.86 -11.19
N PRO A 56 -1.89 4.57 -10.23
CA PRO A 56 -3.32 4.25 -10.39
C PRO A 56 -4.27 5.41 -10.62
N TYR A 57 -5.47 5.07 -11.10
CA TYR A 57 -6.52 6.06 -11.30
C TYR A 57 -7.77 5.46 -10.68
N TYR A 58 -8.70 6.32 -10.28
CA TYR A 58 -9.94 5.88 -9.66
C TYR A 58 -11.07 6.67 -10.29
N ILE A 59 -12.00 5.95 -10.93
CA ILE A 59 -13.13 6.59 -11.59
C ILE A 59 -14.46 6.03 -11.10
N ASP A 60 -15.34 6.92 -10.65
CA ASP A 60 -16.65 6.50 -10.20
C ASP A 60 -17.67 7.58 -10.57
N GLY A 61 -18.91 7.40 -10.18
CA GLY A 61 -19.95 8.36 -10.50
C GLY A 61 -19.78 9.77 -9.98
N ASP A 62 -18.76 10.01 -9.15
CA ASP A 62 -18.56 11.35 -8.60
C ASP A 62 -17.23 12.01 -8.94
N VAL A 63 -16.18 11.21 -9.15
CA VAL A 63 -14.87 11.78 -9.44
C VAL A 63 -14.00 10.94 -10.36
N LYS A 64 -12.91 11.54 -10.79
CA LYS A 64 -11.90 10.90 -11.63
C LYS A 64 -10.59 11.35 -10.99
N LEU A 65 -9.90 10.40 -10.36
CA LEU A 65 -8.66 10.73 -9.66
C LEU A 65 -7.45 9.92 -10.04
N THR A 66 -6.27 10.52 -9.79
CA THR A 66 -4.98 9.88 -9.98
C THR A 66 -4.19 10.27 -8.73
N GLN A 67 -3.00 9.70 -8.56
CA GLN A 67 -2.14 9.91 -7.40
C GLN A 67 -2.66 8.96 -6.32
N SER A 68 -1.91 7.88 -6.10
CA SER A 68 -2.30 6.85 -5.14
C SER A 68 -2.75 7.36 -3.77
N MET A 69 -2.08 8.37 -3.24
CA MET A 69 -2.45 8.90 -1.93
C MET A 69 -3.74 9.70 -1.94
N ALA A 70 -4.03 10.36 -3.05
CA ALA A 70 -5.26 11.13 -3.16
C ALA A 70 -6.42 10.14 -3.21
N ILE A 71 -6.19 9.03 -3.92
CA ILE A 71 -7.21 8.01 -4.08
C ILE A 71 -7.54 7.29 -2.76
N ILE A 72 -6.53 6.85 -2.03
CA ILE A 72 -6.80 6.15 -0.78
C ILE A 72 -7.45 7.08 0.23
N ARG A 73 -7.01 8.33 0.27
CA ARG A 73 -7.59 9.31 1.19
C ARG A 73 -9.04 9.67 0.82
N TYR A 74 -9.35 9.64 -0.47
CA TYR A 74 -10.71 9.95 -0.93
C TYR A 74 -11.66 8.88 -0.41
N ILE A 75 -11.28 7.63 -0.62
CA ILE A 75 -12.08 6.50 -0.17
C ILE A 75 -12.28 6.56 1.34
N ALA A 76 -11.22 6.88 2.08
CA ALA A 76 -11.31 6.98 3.53
C ALA A 76 -12.18 8.16 3.96
N ASP A 77 -12.04 9.28 3.23
CA ASP A 77 -12.79 10.50 3.51
C ASP A 77 -14.29 10.27 3.31
N LYS A 78 -14.64 9.46 2.31
CA LYS A 78 -16.03 9.16 2.04
C LYS A 78 -16.65 8.36 3.18
N HIS A 79 -15.80 7.80 4.03
CA HIS A 79 -16.28 7.03 5.16
C HIS A 79 -15.91 7.69 6.48
N ASN A 80 -15.64 8.99 6.42
CA ASN A 80 -15.31 9.78 7.60
C ASN A 80 -14.15 9.20 8.40
N MET A 81 -13.12 8.73 7.71
CA MET A 81 -11.97 8.12 8.38
C MET A 81 -10.68 8.95 8.39
N LEU A 82 -10.70 10.16 7.84
CA LEU A 82 -9.50 10.98 7.79
C LEU A 82 -9.12 11.69 9.09
N GLY A 83 -10.07 11.81 10.02
CA GLY A 83 -9.80 12.48 11.28
C GLY A 83 -10.87 13.50 11.61
N GLY A 84 -11.26 13.57 12.89
CA GLY A 84 -12.30 14.50 13.30
C GLY A 84 -11.91 15.95 13.54
N CYS A 85 -10.61 16.23 13.58
CA CYS A 85 -10.13 17.59 13.78
C CYS A 85 -8.75 17.74 13.15
N PRO A 86 -8.27 18.98 12.99
CA PRO A 86 -6.96 19.20 12.38
C PRO A 86 -5.84 18.39 13.03
N LYS A 87 -5.81 18.36 14.36
CA LYS A 87 -4.79 17.61 15.09
C LYS A 87 -4.82 16.12 14.73
N GLU A 88 -6.02 15.54 14.72
CA GLU A 88 -6.15 14.13 14.39
C GLU A 88 -5.83 13.85 12.93
N ARG A 89 -6.29 14.73 12.04
CA ARG A 89 -6.02 14.55 10.62
C ARG A 89 -4.52 14.63 10.35
N ALA A 90 -3.82 15.48 11.11
CA ALA A 90 -2.38 15.65 10.95
C ALA A 90 -1.64 14.42 11.47
N GLU A 91 -2.16 13.82 12.53
CA GLU A 91 -1.56 12.62 13.10
C GLU A 91 -1.62 11.53 12.03
N ILE A 92 -2.78 11.42 11.39
CA ILE A 92 -2.98 10.43 10.34
C ILE A 92 -2.11 10.70 9.13
N SER A 93 -1.92 11.97 8.78
CA SER A 93 -1.06 12.30 7.65
C SER A 93 0.41 12.06 7.98
N MET A 94 0.75 12.21 9.26
CA MET A 94 2.12 11.97 9.69
C MET A 94 2.42 10.48 9.59
N LEU A 95 1.45 9.65 9.97
CA LEU A 95 1.59 8.21 9.89
C LEU A 95 1.78 7.78 8.43
N GLU A 96 1.03 8.40 7.53
CA GLU A 96 1.14 8.10 6.10
C GLU A 96 2.58 8.30 5.66
N GLY A 97 3.07 9.52 5.88
CA GLY A 97 4.43 9.87 5.51
C GLY A 97 5.47 8.94 6.08
N ALA A 98 5.33 8.60 7.36
CA ALA A 98 6.26 7.71 8.03
C ALA A 98 6.29 6.33 7.37
N VAL A 99 5.12 5.85 6.96
CA VAL A 99 5.04 4.55 6.29
C VAL A 99 5.67 4.66 4.90
N LEU A 100 5.41 5.76 4.20
CA LEU A 100 5.96 5.93 2.86
C LEU A 100 7.50 5.96 2.87
N ASP A 101 8.10 6.52 3.93
CA ASP A 101 9.56 6.54 4.01
C ASP A 101 10.08 5.11 3.92
N ILE A 102 9.35 4.16 4.51
CA ILE A 102 9.75 2.76 4.46
C ILE A 102 9.42 2.16 3.08
N ARG A 103 8.17 2.25 2.66
CA ARG A 103 7.75 1.67 1.38
C ARG A 103 8.52 2.24 0.20
N TYR A 104 8.68 3.56 0.16
CA TYR A 104 9.41 4.18 -0.93
C TYR A 104 10.91 3.94 -0.75
N GLY A 105 11.32 3.73 0.49
CA GLY A 105 12.73 3.45 0.76
C GLY A 105 13.12 2.17 0.03
N VAL A 106 12.19 1.23 -0.02
CA VAL A 106 12.41 -0.05 -0.69
C VAL A 106 12.43 0.12 -2.19
N SER A 107 11.39 0.75 -2.73
CA SER A 107 11.29 0.93 -4.17
C SER A 107 12.43 1.73 -4.81
N ARG A 108 13.00 2.67 -4.08
CA ARG A 108 14.09 3.49 -4.61
C ARG A 108 15.35 2.69 -4.89
N ILE A 109 15.53 1.56 -4.20
CA ILE A 109 16.72 0.76 -4.43
C ILE A 109 16.40 -0.55 -5.15
N ALA A 110 15.12 -0.88 -5.26
CA ALA A 110 14.69 -2.14 -5.88
C ALA A 110 14.90 -2.24 -7.39
N TYR A 111 15.21 -1.14 -8.04
CA TYR A 111 15.40 -1.15 -9.49
C TYR A 111 16.87 -1.06 -9.89
N SER A 112 17.76 -1.02 -8.91
CA SER A 112 19.18 -0.90 -9.17
C SER A 112 19.89 -2.23 -9.40
N LYS A 113 20.93 -2.19 -10.22
CA LYS A 113 21.72 -3.37 -10.53
C LYS A 113 22.54 -3.73 -9.29
N ASP A 114 22.80 -2.73 -8.45
CA ASP A 114 23.57 -2.92 -7.21
C ASP A 114 22.66 -3.05 -5.99
N PHE A 115 21.49 -3.64 -6.18
CA PHE A 115 20.52 -3.80 -5.10
C PHE A 115 21.11 -4.32 -3.79
N GLU A 116 21.90 -5.39 -3.86
CA GLU A 116 22.49 -5.98 -2.65
C GLU A 116 23.26 -4.99 -1.79
N THR A 117 24.07 -4.15 -2.41
CA THR A 117 24.85 -3.19 -1.66
C THR A 117 23.94 -2.11 -1.06
N LEU A 118 22.99 -1.63 -1.86
CA LEU A 118 22.06 -0.61 -1.38
C LEU A 118 21.21 -1.22 -0.27
N LYS A 119 20.88 -2.49 -0.41
CA LYS A 119 20.08 -3.20 0.58
C LYS A 119 20.73 -3.15 1.95
N VAL A 120 22.05 -3.36 2.00
CA VAL A 120 22.77 -3.34 3.26
C VAL A 120 22.56 -2.02 4.00
N ASP A 121 22.72 -0.92 3.28
CA ASP A 121 22.54 0.40 3.87
C ASP A 121 21.09 0.61 4.32
N PHE A 122 20.15 0.23 3.47
CA PHE A 122 18.74 0.40 3.80
C PHE A 122 18.38 -0.37 5.07
N LEU A 123 18.78 -1.63 5.13
CA LEU A 123 18.49 -2.47 6.30
C LEU A 123 19.17 -2.00 7.59
N SER A 124 20.18 -1.15 7.47
CA SER A 124 20.85 -0.65 8.66
C SER A 124 20.06 0.54 9.18
N LYS A 125 19.24 1.12 8.31
CA LYS A 125 18.42 2.27 8.69
C LYS A 125 17.00 1.87 9.05
N LEU A 126 16.53 0.75 8.50
CA LEU A 126 15.17 0.28 8.74
C LEU A 126 14.77 0.11 10.22
N PRO A 127 15.67 -0.45 11.05
CA PRO A 127 15.37 -0.64 12.47
C PRO A 127 14.86 0.60 13.21
N GLU A 128 15.55 1.73 13.00
CA GLU A 128 15.14 2.97 13.64
C GLU A 128 13.77 3.39 13.15
N MET A 129 13.49 3.17 11.87
CA MET A 129 12.20 3.52 11.30
C MET A 129 11.10 2.63 11.89
N LEU A 130 11.37 1.34 11.98
CA LEU A 130 10.39 0.40 12.54
C LEU A 130 10.15 0.66 14.02
N LYS A 131 11.20 1.01 14.75
CA LYS A 131 11.04 1.27 16.17
C LYS A 131 10.05 2.37 16.49
N MET A 132 9.91 3.39 15.63
CA MET A 132 8.94 4.44 15.93
C MET A 132 7.52 3.86 15.86
N PHE A 133 7.30 2.92 14.95
CA PHE A 133 5.99 2.29 14.84
C PHE A 133 5.80 1.31 16.00
N GLU A 134 6.88 0.62 16.38
CA GLU A 134 6.84 -0.32 17.49
C GLU A 134 6.38 0.41 18.76
N ASP A 135 6.98 1.56 19.03
CA ASP A 135 6.62 2.37 20.21
C ASP A 135 5.20 2.87 20.10
N ARG A 136 4.81 3.27 18.89
CA ARG A 136 3.47 3.77 18.65
C ARG A 136 2.43 2.71 18.98
N LEU A 137 2.78 1.44 18.74
CA LEU A 137 1.87 0.33 18.97
C LEU A 137 1.95 -0.36 20.34
N CYS A 138 2.82 0.12 21.23
CA CYS A 138 2.91 -0.55 22.52
C CYS A 138 1.68 -0.33 23.39
N HIS A 139 0.90 0.71 23.10
CA HIS A 139 -0.30 0.98 23.87
C HIS A 139 -1.48 1.30 22.94
N LYS A 140 -1.41 0.75 21.72
CA LYS A 140 -2.47 0.96 20.72
C LYS A 140 -2.66 -0.29 19.86
N THR A 141 -3.91 -0.67 19.65
CA THR A 141 -4.22 -1.85 18.83
C THR A 141 -3.85 -1.56 17.37
N TYR A 142 -4.25 -0.39 16.90
CA TYR A 142 -3.96 0.04 15.53
C TYR A 142 -3.21 1.37 15.62
N LEU A 143 -2.67 1.85 14.51
CA LEU A 143 -1.91 3.09 14.50
C LEU A 143 -2.62 4.30 15.09
N ASN A 144 -3.93 4.40 14.89
CA ASN A 144 -4.66 5.54 15.46
C ASN A 144 -5.51 5.18 16.68
N GLY A 145 -5.26 4.01 17.25
CA GLY A 145 -6.02 3.61 18.42
C GLY A 145 -6.82 2.32 18.26
N ASP A 146 -8.04 2.33 18.78
CA ASP A 146 -8.89 1.16 18.70
C ASP A 146 -9.48 0.88 17.33
N HIS A 147 -9.58 1.91 16.49
CA HIS A 147 -10.15 1.73 15.16
C HIS A 147 -9.15 1.85 14.04
N VAL A 148 -9.38 1.06 12.99
CA VAL A 148 -8.54 1.02 11.80
C VAL A 148 -8.67 2.27 10.94
N THR A 149 -7.54 2.73 10.41
CA THR A 149 -7.48 3.90 9.53
C THR A 149 -6.65 3.45 8.32
N HIS A 150 -6.67 4.21 7.23
CA HIS A 150 -5.92 3.76 6.06
C HIS A 150 -4.41 3.59 6.24
N PRO A 151 -3.80 4.32 7.19
CA PRO A 151 -2.36 4.12 7.35
C PRO A 151 -2.05 2.69 7.83
N ASP A 152 -3.01 2.06 8.52
CA ASP A 152 -2.83 0.69 8.98
C ASP A 152 -2.57 -0.24 7.80
N PHE A 153 -3.31 -0.05 6.71
CA PHE A 153 -3.15 -0.89 5.52
C PHE A 153 -1.88 -0.51 4.78
N MET A 154 -1.45 0.74 4.93
CA MET A 154 -0.22 1.18 4.31
C MET A 154 0.93 0.49 5.04
N LEU A 155 0.91 0.53 6.37
CA LEU A 155 1.95 -0.09 7.17
C LEU A 155 2.00 -1.58 6.89
N TYR A 156 0.83 -2.20 6.82
CA TYR A 156 0.75 -3.63 6.55
C TYR A 156 1.47 -3.96 5.24
N ASP A 157 1.19 -3.19 4.20
CA ASP A 157 1.82 -3.37 2.90
C ASP A 157 3.35 -3.24 3.00
N ALA A 158 3.80 -2.23 3.72
CA ALA A 158 5.23 -2.00 3.90
C ALA A 158 5.90 -3.15 4.64
N LEU A 159 5.22 -3.69 5.66
CA LEU A 159 5.77 -4.80 6.43
C LEU A 159 5.84 -6.05 5.55
N ASP A 160 4.79 -6.26 4.77
CA ASP A 160 4.74 -7.40 3.85
C ASP A 160 5.96 -7.33 2.95
N VAL A 161 6.22 -6.14 2.42
CA VAL A 161 7.34 -5.94 1.51
C VAL A 161 8.72 -6.12 2.14
N VAL A 162 9.00 -5.48 3.27
CA VAL A 162 10.32 -5.63 3.89
C VAL A 162 10.57 -7.04 4.42
N LEU A 163 9.50 -7.78 4.70
CA LEU A 163 9.66 -9.15 5.17
C LEU A 163 10.17 -10.03 4.03
N TYR A 164 9.93 -9.60 2.79
CA TYR A 164 10.41 -10.33 1.62
C TYR A 164 11.90 -10.02 1.45
N MET A 165 12.27 -8.78 1.77
CA MET A 165 13.66 -8.37 1.66
C MET A 165 14.50 -9.05 2.73
N ASP A 166 13.93 -9.15 3.93
CA ASP A 166 14.60 -9.76 5.07
C ASP A 166 13.56 -10.32 6.03
N PRO A 167 13.31 -11.64 5.95
CA PRO A 167 12.33 -12.34 6.79
C PRO A 167 12.53 -12.17 8.30
N MET A 168 13.68 -11.67 8.71
CA MET A 168 13.98 -11.49 10.14
C MET A 168 14.02 -10.03 10.60
N CYS A 169 13.66 -9.10 9.73
CA CYS A 169 13.71 -7.68 10.10
C CYS A 169 12.72 -7.28 11.19
N LEU A 170 11.79 -8.18 11.53
CA LEU A 170 10.81 -7.87 12.57
C LEU A 170 11.02 -8.66 13.85
N ASP A 171 12.09 -9.46 13.89
CA ASP A 171 12.39 -10.27 15.08
C ASP A 171 12.50 -9.46 16.35
N ALA A 172 13.07 -8.26 16.27
CA ALA A 172 13.22 -7.41 17.44
C ALA A 172 12.00 -6.51 17.66
N PHE A 173 10.97 -6.68 16.84
CA PHE A 173 9.77 -5.85 16.95
C PHE A 173 8.50 -6.68 17.07
N PRO A 174 8.25 -7.27 18.25
CA PRO A 174 7.07 -8.11 18.48
C PRO A 174 5.71 -7.44 18.24
N LYS A 175 5.59 -6.14 18.55
CA LYS A 175 4.32 -5.44 18.34
C LYS A 175 4.00 -5.32 16.85
N LEU A 176 5.02 -5.13 16.02
CA LEU A 176 4.81 -5.03 14.58
C LEU A 176 4.46 -6.42 14.04
N VAL A 177 5.07 -7.44 14.61
CA VAL A 177 4.79 -8.81 14.20
C VAL A 177 3.32 -9.10 14.47
N CYS A 178 2.86 -8.75 15.66
CA CYS A 178 1.47 -8.98 16.04
C CYS A 178 0.51 -8.09 15.27
N PHE A 179 0.94 -6.87 14.96
CA PHE A 179 0.12 -5.94 14.19
C PHE A 179 -0.17 -6.55 12.82
N LYS A 180 0.84 -7.12 12.19
CA LYS A 180 0.67 -7.72 10.88
C LYS A 180 -0.31 -8.87 10.93
N LYS A 181 -0.22 -9.68 11.99
CA LYS A 181 -1.14 -10.80 12.14
C LYS A 181 -2.54 -10.26 12.42
N ARG A 182 -2.62 -9.20 13.23
CA ARG A 182 -3.91 -8.61 13.56
C ARG A 182 -4.67 -8.12 12.34
N ILE A 183 -3.94 -7.54 11.38
CA ILE A 183 -4.54 -7.04 10.15
C ILE A 183 -5.09 -8.23 9.35
N GLU A 184 -4.31 -9.29 9.29
CA GLU A 184 -4.70 -10.49 8.56
C GLU A 184 -5.83 -11.23 9.27
N ALA A 185 -6.10 -10.85 10.51
CA ALA A 185 -7.16 -11.47 11.30
C ALA A 185 -8.50 -10.74 11.10
N ILE A 186 -8.48 -9.62 10.40
CA ILE A 186 -9.71 -8.89 10.11
C ILE A 186 -10.44 -9.77 9.08
N PRO A 187 -11.70 -10.15 9.37
CA PRO A 187 -12.48 -11.01 8.47
C PRO A 187 -12.42 -10.64 6.98
N GLN A 188 -12.70 -9.37 6.65
CA GLN A 188 -12.68 -8.95 5.26
C GLN A 188 -11.32 -9.13 4.61
N ILE A 189 -10.25 -8.88 5.36
CA ILE A 189 -8.90 -9.02 4.85
C ILE A 189 -8.52 -10.49 4.64
N ASP A 190 -8.80 -11.33 5.63
CA ASP A 190 -8.50 -12.75 5.52
C ASP A 190 -9.23 -13.31 4.29
N LYS A 191 -10.49 -12.94 4.14
CA LYS A 191 -11.28 -13.38 3.00
C LYS A 191 -10.65 -12.92 1.67
N TYR A 192 -10.16 -11.68 1.64
CA TYR A 192 -9.55 -11.12 0.44
C TYR A 192 -8.25 -11.81 0.08
N LEU A 193 -7.38 -12.00 1.06
CA LEU A 193 -6.09 -12.64 0.83
C LEU A 193 -6.26 -14.08 0.32
N LYS A 194 -7.42 -14.66 0.62
CA LYS A 194 -7.71 -16.03 0.20
C LYS A 194 -8.55 -16.09 -1.07
N SER A 195 -8.94 -14.93 -1.58
CA SER A 195 -9.78 -14.86 -2.78
C SER A 195 -8.94 -14.86 -4.07
N SER A 196 -9.63 -14.92 -5.20
CA SER A 196 -8.99 -14.93 -6.51
C SER A 196 -8.58 -13.53 -6.95
N LYS A 197 -9.04 -12.51 -6.23
CA LYS A 197 -8.72 -11.12 -6.55
C LYS A 197 -7.33 -10.71 -6.03
N TYR A 198 -6.86 -11.43 -5.02
CA TYR A 198 -5.57 -11.12 -4.42
C TYR A 198 -4.38 -11.29 -5.35
N ILE A 199 -3.55 -10.24 -5.42
CA ILE A 199 -2.34 -10.25 -6.26
C ILE A 199 -1.17 -10.24 -5.27
N ALA A 200 -0.50 -11.38 -5.15
CA ALA A 200 0.62 -11.53 -4.23
C ALA A 200 1.97 -11.09 -4.78
N TRP A 201 2.09 -11.07 -6.10
CA TRP A 201 3.36 -10.71 -6.72
C TRP A 201 3.11 -10.13 -8.11
N PRO A 202 3.98 -9.22 -8.58
CA PRO A 202 5.18 -8.70 -7.92
C PRO A 202 4.89 -7.55 -6.96
N LEU A 203 5.92 -7.14 -6.21
CA LEU A 203 5.82 -6.06 -5.24
C LEU A 203 5.99 -4.73 -5.97
N GLN A 204 7.06 -4.64 -6.74
CA GLN A 204 7.36 -3.46 -7.55
C GLN A 204 6.97 -3.83 -8.98
N GLY A 205 7.41 -3.03 -9.94
CA GLY A 205 7.12 -3.35 -11.32
C GLY A 205 7.90 -4.60 -11.67
N TRP A 206 7.46 -5.31 -12.71
CA TRP A 206 8.10 -6.55 -13.13
C TRP A 206 9.59 -6.44 -13.44
N GLN A 207 10.03 -5.26 -13.88
CA GLN A 207 11.43 -5.05 -14.23
C GLN A 207 12.38 -4.89 -13.05
N ALA A 208 11.83 -4.65 -11.87
CA ALA A 208 12.64 -4.46 -10.67
C ALA A 208 13.59 -5.61 -10.35
N THR A 209 14.74 -5.26 -9.79
CA THR A 209 15.76 -6.23 -9.41
C THR A 209 15.29 -6.97 -8.15
N PHE A 210 14.52 -6.27 -7.32
CA PHE A 210 13.97 -6.85 -6.10
C PHE A 210 12.45 -6.67 -6.13
N GLY A 211 11.72 -7.73 -5.82
CA GLY A 211 10.27 -7.67 -5.82
C GLY A 211 9.68 -7.60 -7.21
N GLY A 212 10.49 -7.96 -8.21
CA GLY A 212 10.03 -7.94 -9.58
C GLY A 212 9.86 -9.35 -10.12
N GLY A 213 9.65 -9.46 -11.43
CA GLY A 213 9.46 -10.77 -12.05
C GLY A 213 8.01 -11.21 -11.99
N ASP A 214 7.71 -12.37 -12.55
CA ASP A 214 6.34 -12.88 -12.55
C ASP A 214 6.06 -13.78 -11.35
N HIS A 215 7.12 -14.28 -10.73
CA HIS A 215 6.96 -15.15 -9.58
C HIS A 215 7.96 -14.82 -8.49
N PRO A 216 7.57 -15.01 -7.22
CA PRO A 216 8.43 -14.73 -6.06
C PRO A 216 9.81 -15.41 -6.14
#